data_6FAP
#
_entry.id   6FAP
#
_cell.length_a   72.796
_cell.length_b   72.796
_cell.length_c   99.630
_cell.angle_alpha   90.00
_cell.angle_beta   90.00
_cell.angle_gamma   90.00
#
_symmetry.space_group_name_H-M   'P 43 21 2'
#
loop_
_entity.id
_entity.type
_entity.pdbx_description
1 polymer 'Bromodomain adjacent to zinc finger domain protein 2A'
2 non-polymer 'ZINC ION'
3 non-polymer 'PHOSPHATE ION'
4 non-polymer ~{N}-(4-aminophenyl)-2-azanyl-ethanamide
5 non-polymer GLYCEROL
6 water water
#
_entity_poly.entity_id   1
_entity_poly.type   'polypeptide(L)'
_entity_poly.pdbx_seq_one_letter_code
;HMSVNKVTCLVCRKGDNDEFLLLCDGCDRGCHIYCHRPKMEAVPEGDWFCTVCLAQQV
;
_entity_poly.pdbx_strand_id   A,B,C,D
#
# COMPACT_ATOMS: atom_id res chain seq x y z
N LYS A 6 6.38 12.71 22.94
CA LYS A 6 6.53 13.69 21.82
C LYS A 6 5.58 13.35 20.67
N VAL A 7 4.33 13.04 21.00
CA VAL A 7 3.33 12.67 20.00
C VAL A 7 2.30 13.78 19.84
N THR A 8 2.13 14.27 18.62
CA THR A 8 1.23 15.38 18.35
C THR A 8 0.28 15.09 17.20
N CYS A 9 -0.76 15.91 17.11
CA CYS A 9 -1.81 15.74 16.12
C CYS A 9 -1.46 16.52 14.85
N LEU A 10 -1.56 15.86 13.70
CA LEU A 10 -1.16 16.47 12.42
C LEU A 10 -2.00 17.70 12.08
N VAL A 11 -3.28 17.66 12.43
CA VAL A 11 -4.22 18.72 12.05
C VAL A 11 -3.99 19.98 12.88
N CYS A 12 -4.05 19.84 14.21
CA CYS A 12 -4.07 21.00 15.10
C CYS A 12 -2.73 21.24 15.82
N ARG A 13 -1.80 20.30 15.70
CA ARG A 13 -0.42 20.46 16.20
C ARG A 13 -0.32 20.55 17.73
N LYS A 14 -1.34 20.07 18.44
CA LYS A 14 -1.28 19.91 19.90
C LYS A 14 -1.25 18.42 20.25
N GLY A 15 -0.77 18.12 21.45
CA GLY A 15 -0.68 16.74 21.93
C GLY A 15 -1.31 16.57 23.29
N ASP A 16 -2.54 17.07 23.45
CA ASP A 16 -3.31 16.92 24.67
C ASP A 16 -4.54 16.04 24.39
N ASN A 17 -5.33 15.77 25.43
CA ASN A 17 -6.43 14.80 25.34
C ASN A 17 -5.97 13.53 24.64
N ASP A 18 -4.89 12.94 25.15
CA ASP A 18 -4.22 11.81 24.48
C ASP A 18 -5.10 10.55 24.43
N GLU A 19 -6.15 10.52 25.24
CA GLU A 19 -7.13 9.43 25.17
C GLU A 19 -7.92 9.45 23.86
N PHE A 20 -7.95 10.60 23.19
CA PHE A 20 -8.64 10.73 21.89
C PHE A 20 -7.68 10.72 20.69
N LEU A 21 -6.44 10.28 20.92
CA LEU A 21 -5.36 10.54 19.99
C LEU A 21 -4.94 9.26 19.26
N LEU A 22 -5.34 9.14 18.00
CA LEU A 22 -4.94 8.00 17.17
C LEU A 22 -3.43 7.97 16.97
N LEU A 23 -2.88 6.77 16.89
CA LEU A 23 -1.48 6.56 16.58
C LEU A 23 -1.37 5.74 15.31
N CYS A 24 -0.63 6.26 14.33
CA CYS A 24 -0.40 5.54 13.08
C CYS A 24 0.41 4.28 13.35
N ASP A 25 0.00 3.18 12.74
CA ASP A 25 0.69 1.90 12.91
C ASP A 25 1.82 1.72 11.88
N GLY A 26 1.92 2.66 10.95
CA GLY A 26 3.03 2.70 9.99
C GLY A 26 4.17 3.62 10.40
N CYS A 27 3.86 4.61 11.23
CA CYS A 27 4.87 5.58 11.68
C CYS A 27 4.54 6.08 13.09
N ASP A 28 5.07 7.24 13.46
CA ASP A 28 4.90 7.76 14.83
C ASP A 28 4.08 9.04 14.89
N ARG A 29 3.24 9.25 13.87
CA ARG A 29 2.37 10.42 13.81
C ARG A 29 1.02 10.09 14.46
N GLY A 30 0.17 11.10 14.62
CA GLY A 30 -1.12 10.89 15.28
C GLY A 30 -2.21 11.85 14.85
N CYS A 31 -3.43 11.58 15.28
CA CYS A 31 -4.57 12.45 15.01
C CYS A 31 -5.62 12.32 16.11
N HIS A 32 -6.08 13.45 16.63
CA HIS A 32 -7.30 13.48 17.44
C HIS A 32 -8.45 12.98 16.58
N ILE A 33 -9.28 12.10 17.14
CA ILE A 33 -10.46 11.64 16.40
C ILE A 33 -11.42 12.78 16.08
N TYR A 34 -11.45 13.79 16.96
CA TYR A 34 -12.32 14.94 16.76
C TYR A 34 -11.79 15.95 15.72
N CYS A 35 -10.51 15.84 15.36
CA CYS A 35 -9.95 16.66 14.27
C CYS A 35 -10.10 15.97 12.90
N HIS A 36 -10.30 14.65 12.90
CA HIS A 36 -10.35 13.88 11.67
C HIS A 36 -11.60 14.21 10.85
N ARG A 37 -11.41 14.42 9.55
CA ARG A 37 -12.51 14.44 8.58
C ARG A 37 -12.17 13.47 7.44
N PRO A 38 -13.06 12.53 7.14
CA PRO A 38 -14.43 12.50 7.63
C PRO A 38 -14.55 12.03 9.07
N LYS A 39 -15.78 12.05 9.58
CA LYS A 39 -16.04 11.94 11.02
C LYS A 39 -15.58 10.62 11.60
N MET A 40 -15.12 10.67 12.84
CA MET A 40 -14.66 9.49 13.56
C MET A 40 -15.17 9.53 15.00
N GLU A 41 -16.10 8.63 15.33
CA GLU A 41 -16.79 8.66 16.63
C GLU A 41 -15.96 8.05 17.76
N ALA A 42 -15.04 7.15 17.41
CA ALA A 42 -14.24 6.44 18.40
C ALA A 42 -12.90 6.02 17.84
N VAL A 43 -12.00 5.61 18.73
CA VAL A 43 -10.73 5.01 18.32
C VAL A 43 -10.98 3.55 17.95
N PRO A 44 -10.60 3.16 16.71
CA PRO A 44 -10.89 1.80 16.25
C PRO A 44 -9.86 0.78 16.74
N GLU A 45 -10.34 -0.42 17.05
CA GLU A 45 -9.49 -1.61 17.08
C GLU A 45 -9.01 -1.92 15.66
N GLY A 46 -7.90 -2.64 15.56
CA GLY A 46 -7.24 -2.84 14.27
C GLY A 46 -6.50 -1.60 13.84
N ASP A 47 -5.80 -1.70 12.71
CA ASP A 47 -4.78 -0.73 12.36
C ASP A 47 -5.37 0.52 11.70
N TRP A 48 -4.78 1.67 12.01
CA TRP A 48 -5.08 2.91 11.31
C TRP A 48 -3.80 3.51 10.73
N PHE A 49 -3.90 4.06 9.52
CA PHE A 49 -2.76 4.65 8.84
C PHE A 49 -2.98 6.12 8.53
N CYS A 50 -1.98 6.93 8.84
CA CYS A 50 -2.01 8.35 8.54
C CYS A 50 -1.84 8.57 7.03
N THR A 51 -2.10 9.80 6.59
CA THR A 51 -2.09 10.14 5.17
C THR A 51 -0.68 10.08 4.56
N VAL A 52 0.34 10.26 5.39
CA VAL A 52 1.73 10.16 4.92
C VAL A 52 2.07 8.72 4.56
N CYS A 53 1.60 7.76 5.38
CA CYS A 53 1.79 6.34 5.10
C CYS A 53 0.90 5.83 3.95
N LEU A 54 -0.27 6.42 3.79
CA LEU A 54 -1.14 6.08 2.66
C LEU A 54 -0.53 6.46 1.32
N ALA A 55 0.31 7.50 1.32
CA ALA A 55 1.05 7.90 0.12
C ALA A 55 2.14 6.90 -0.29
N GLN A 56 2.58 6.08 0.66
CA GLN A 56 3.59 5.04 0.39
C GLN A 56 2.99 3.75 -0.16
N GLN A 57 1.67 3.62 -0.09
CA GLN A 57 0.99 2.40 -0.54
C GLN A 57 1.06 2.23 -2.05
N VAL A 58 0.81 1.02 -2.51
CA VAL A 58 0.76 0.73 -3.95
C VAL A 58 -0.25 -0.38 -4.24
N LYS B 6 7.63 -21.87 -25.59
CA LYS B 6 6.66 -20.95 -24.93
C LYS B 6 7.00 -20.72 -23.46
N VAL B 7 7.36 -19.49 -23.13
CA VAL B 7 7.56 -19.10 -21.74
C VAL B 7 6.21 -18.98 -21.03
N THR B 8 6.14 -19.48 -19.80
CA THR B 8 4.92 -19.39 -19.00
C THR B 8 5.16 -18.67 -17.67
N CYS B 9 4.07 -18.37 -16.98
CA CYS B 9 4.08 -17.51 -15.81
C CYS B 9 4.10 -18.35 -14.54
N LEU B 10 4.98 -18.00 -13.61
CA LEU B 10 5.20 -18.80 -12.40
C LEU B 10 3.94 -18.91 -11.53
N VAL B 11 3.11 -17.89 -11.54
CA VAL B 11 1.95 -17.83 -10.67
C VAL B 11 0.79 -18.66 -11.24
N CYS B 12 0.28 -18.26 -12.40
CA CYS B 12 -0.94 -18.86 -12.95
C CYS B 12 -0.67 -20.03 -13.90
N ARG B 13 0.59 -20.21 -14.30
CA ARG B 13 1.02 -21.39 -15.09
C ARG B 13 0.63 -21.32 -16.58
N LYS B 14 0.01 -20.22 -17.00
CA LYS B 14 -0.32 -20.02 -18.42
C LYS B 14 0.71 -19.12 -19.10
N GLY B 15 0.82 -19.25 -20.42
CA GLY B 15 1.72 -18.40 -21.22
C GLY B 15 0.99 -17.55 -22.23
N ASP B 16 -0.20 -17.08 -21.87
CA ASP B 16 -1.00 -16.21 -22.74
C ASP B 16 -0.74 -14.73 -22.44
N ASN B 17 -1.27 -13.85 -23.29
CA ASN B 17 -1.07 -12.40 -23.17
C ASN B 17 0.40 -12.03 -22.97
N ASP B 18 1.26 -12.46 -23.89
CA ASP B 18 2.71 -12.33 -23.71
C ASP B 18 3.20 -10.88 -23.73
N GLU B 19 2.36 -9.97 -24.23
CA GLU B 19 2.63 -8.55 -24.12
C GLU B 19 2.81 -8.12 -22.66
N PHE B 20 2.11 -8.80 -21.75
CA PHE B 20 2.17 -8.49 -20.32
C PHE B 20 3.03 -9.47 -19.52
N LEU B 21 3.76 -10.33 -20.23
CA LEU B 21 4.54 -11.39 -19.60
C LEU B 21 5.99 -10.94 -19.40
N LEU B 22 6.33 -10.62 -18.15
CA LEU B 22 7.66 -10.14 -17.79
C LEU B 22 8.64 -11.31 -17.77
N LEU B 23 9.78 -11.14 -18.43
CA LEU B 23 10.75 -12.24 -18.60
C LEU B 23 11.97 -12.04 -17.71
N CYS B 24 12.35 -13.09 -16.99
CA CYS B 24 13.58 -13.08 -16.21
C CYS B 24 14.80 -13.12 -17.13
N ASP B 25 15.81 -12.32 -16.80
CA ASP B 25 17.01 -12.23 -17.62
C ASP B 25 18.04 -13.28 -17.21
N GLY B 26 18.00 -13.69 -15.94
CA GLY B 26 18.90 -14.74 -15.45
C GLY B 26 18.57 -16.15 -15.93
N CYS B 27 17.29 -16.41 -16.19
CA CYS B 27 16.84 -17.75 -16.54
C CYS B 27 15.65 -17.71 -17.51
N ASP B 28 14.94 -18.83 -17.64
CA ASP B 28 13.94 -19.00 -18.71
C ASP B 28 12.51 -18.71 -18.24
N ARG B 29 12.34 -18.37 -16.96
CA ARG B 29 11.01 -18.20 -16.37
C ARG B 29 10.48 -16.79 -16.59
N GLY B 30 9.20 -16.58 -16.34
CA GLY B 30 8.56 -15.28 -16.47
C GLY B 30 7.36 -15.12 -15.56
N CYS B 31 6.67 -13.98 -15.66
CA CYS B 31 5.54 -13.68 -14.78
C CYS B 31 4.69 -12.55 -15.36
N HIS B 32 3.38 -12.78 -15.48
CA HIS B 32 2.45 -11.70 -15.82
C HIS B 32 2.57 -10.60 -14.77
N ILE B 33 2.58 -9.35 -15.22
CA ILE B 33 2.58 -8.23 -14.28
C ILE B 33 1.28 -8.15 -13.49
N TYR B 34 0.18 -8.63 -14.09
CA TYR B 34 -1.10 -8.68 -13.36
C TYR B 34 -1.20 -9.82 -12.35
N CYS B 35 -0.30 -10.80 -12.45
CA CYS B 35 -0.20 -11.85 -11.43
C CYS B 35 0.76 -11.46 -10.29
N HIS B 36 1.57 -10.41 -10.49
CA HIS B 36 2.59 -10.02 -9.53
C HIS B 36 1.98 -9.34 -8.31
N ARG B 37 2.45 -9.76 -7.13
CA ARG B 37 2.12 -9.08 -5.87
C ARG B 37 3.43 -8.86 -5.11
N PRO B 38 3.83 -7.60 -4.89
CA PRO B 38 2.94 -6.44 -4.94
C PRO B 38 2.61 -5.95 -6.36
N LYS B 39 1.78 -4.91 -6.44
CA LYS B 39 1.24 -4.43 -7.70
C LYS B 39 2.33 -3.92 -8.63
N MET B 40 2.23 -4.31 -9.90
CA MET B 40 3.17 -3.92 -10.92
C MET B 40 2.37 -3.43 -12.13
N GLU B 41 2.25 -2.10 -12.27
CA GLU B 41 1.27 -1.53 -13.21
C GLU B 41 1.83 -1.37 -14.62
N ALA B 42 3.11 -1.69 -14.80
CA ALA B 42 3.74 -1.69 -16.12
C ALA B 42 4.95 -2.61 -16.11
N VAL B 43 5.32 -3.11 -17.29
CA VAL B 43 6.49 -3.97 -17.42
C VAL B 43 7.75 -3.13 -17.21
N PRO B 44 8.53 -3.46 -16.18
CA PRO B 44 9.67 -2.62 -15.81
C PRO B 44 10.78 -2.68 -16.85
N GLU B 45 11.48 -1.57 -17.02
CA GLU B 45 12.62 -1.49 -17.92
C GLU B 45 13.88 -1.99 -17.23
N GLY B 46 14.96 -2.11 -17.98
CA GLY B 46 16.19 -2.69 -17.46
C GLY B 46 16.05 -4.17 -17.20
N ASP B 47 16.71 -4.64 -16.15
CA ASP B 47 16.83 -6.08 -15.88
C ASP B 47 15.99 -6.50 -14.68
N TRP B 48 15.32 -7.64 -14.82
CA TRP B 48 14.50 -8.19 -13.74
C TRP B 48 14.92 -9.63 -13.43
N PHE B 49 14.90 -9.98 -12.16
CA PHE B 49 15.35 -11.30 -11.70
C PHE B 49 14.30 -11.99 -10.85
N CYS B 50 13.98 -13.23 -11.19
CA CYS B 50 12.87 -13.95 -10.57
C CYS B 50 13.23 -14.45 -9.17
N THR B 51 12.26 -15.03 -8.48
CA THR B 51 12.45 -15.48 -7.09
C THR B 51 13.35 -16.71 -6.98
N VAL B 52 13.50 -17.44 -8.07
CA VAL B 52 14.40 -18.59 -8.12
C VAL B 52 15.85 -18.12 -8.27
N CYS B 53 16.07 -17.17 -9.17
CA CYS B 53 17.40 -16.57 -9.35
C CYS B 53 17.84 -15.80 -8.10
N LEU B 54 16.90 -15.11 -7.46
CA LEU B 54 17.19 -14.38 -6.23
C LEU B 54 17.58 -15.32 -5.10
N ALA B 55 16.85 -16.42 -4.96
CA ALA B 55 17.07 -17.37 -3.85
C ALA B 55 18.27 -18.28 -4.14
N GLN B 56 19.46 -17.81 -3.76
CA GLN B 56 20.67 -18.65 -3.76
C GLN B 56 21.81 -18.00 -2.97
N LYS C 6 -22.85 8.82 -8.98
CA LYS C 6 -23.14 7.77 -7.97
C LYS C 6 -22.34 8.01 -6.68
N VAL C 7 -21.05 8.28 -6.82
CA VAL C 7 -20.17 8.47 -5.66
C VAL C 7 -20.26 9.90 -5.13
N THR C 8 -20.26 10.02 -3.81
CA THR C 8 -20.47 11.30 -3.14
C THR C 8 -19.48 11.45 -2.00
N CYS C 9 -19.17 12.69 -1.64
CA CYS C 9 -18.15 12.97 -0.65
C CYS C 9 -18.78 13.10 0.74
N LEU C 10 -18.33 12.28 1.68
CA LEU C 10 -18.87 12.30 3.04
C LEU C 10 -18.81 13.70 3.70
N VAL C 11 -17.76 14.44 3.42
CA VAL C 11 -17.50 15.70 4.12
C VAL C 11 -18.31 16.88 3.57
N CYS C 12 -18.38 17.01 2.25
CA CYS C 12 -19.06 18.15 1.63
C CYS C 12 -20.35 17.76 0.89
N ARG C 13 -20.62 16.46 0.78
CA ARG C 13 -21.88 15.94 0.24
C ARG C 13 -22.07 16.21 -1.25
N LYS C 14 -20.96 16.29 -1.98
CA LYS C 14 -21.00 16.56 -3.42
C LYS C 14 -20.23 15.50 -4.22
N GLY C 15 -20.58 15.36 -5.49
CA GLY C 15 -19.97 14.36 -6.36
C GLY C 15 -19.16 14.96 -7.49
N ASP C 16 -18.85 16.24 -7.39
CA ASP C 16 -18.09 16.94 -8.43
C ASP C 16 -16.58 16.68 -8.30
N ASN C 17 -15.85 16.96 -9.37
CA ASN C 17 -14.40 16.76 -9.41
C ASN C 17 -14.02 15.33 -9.03
N ASP C 18 -14.65 14.37 -9.71
CA ASP C 18 -14.54 12.96 -9.32
C ASP C 18 -13.17 12.35 -9.57
N GLU C 19 -12.32 13.04 -10.33
CA GLU C 19 -10.90 12.69 -10.41
C GLU C 19 -10.21 12.81 -9.06
N PHE C 20 -10.81 13.58 -8.14
CA PHE C 20 -10.23 13.77 -6.81
C PHE C 20 -11.03 13.09 -5.69
N LEU C 21 -11.93 12.18 -6.04
CA LEU C 21 -12.73 11.44 -5.06
C LEU C 21 -12.09 10.09 -4.74
N LEU C 22 -11.66 9.90 -3.50
CA LEU C 22 -11.38 8.55 -3.00
C LEU C 22 -12.66 7.76 -2.93
N LEU C 23 -12.68 6.59 -3.56
CA LEU C 23 -13.73 5.61 -3.34
C LEU C 23 -13.25 4.60 -2.28
N CYS C 24 -14.09 4.35 -1.28
CA CYS C 24 -13.78 3.34 -0.25
C CYS C 24 -13.79 1.95 -0.85
N ASP C 25 -12.88 1.09 -0.39
CA ASP C 25 -12.80 -0.29 -0.87
C ASP C 25 -13.65 -1.27 -0.04
N GLY C 26 -14.27 -0.78 1.02
CA GLY C 26 -15.20 -1.57 1.82
C GLY C 26 -16.66 -1.33 1.47
N CYS C 27 -16.99 -0.14 0.97
CA CYS C 27 -18.38 0.27 0.79
C CYS C 27 -18.53 1.28 -0.36
N ASP C 28 -19.68 1.92 -0.46
CA ASP C 28 -19.97 2.82 -1.59
C ASP C 28 -19.62 4.28 -1.32
N ARG C 29 -19.10 4.58 -0.14
CA ARG C 29 -18.85 5.97 0.27
C ARG C 29 -17.56 6.49 -0.36
N GLY C 30 -17.39 7.81 -0.32
CA GLY C 30 -16.19 8.44 -0.86
C GLY C 30 -15.82 9.73 -0.14
N CYS C 31 -14.69 10.31 -0.53
CA CYS C 31 -14.20 11.55 0.08
C CYS C 31 -13.21 12.24 -0.86
N HIS C 32 -13.35 13.56 -1.02
CA HIS C 32 -12.35 14.35 -1.74
C HIS C 32 -11.05 14.34 -0.94
N ILE C 33 -9.92 14.26 -1.64
CA ILE C 33 -8.62 14.40 -0.98
C ILE C 33 -8.44 15.80 -0.39
N TYR C 34 -9.05 16.80 -1.00
CA TYR C 34 -8.94 18.16 -0.49
C TYR C 34 -9.87 18.43 0.70
N CYS C 35 -10.92 17.63 0.84
CA CYS C 35 -11.80 17.68 2.03
C CYS C 35 -11.27 16.84 3.20
N HIS C 36 -10.37 15.90 2.93
CA HIS C 36 -9.82 15.03 3.97
C HIS C 36 -8.94 15.82 4.95
N ARG C 37 -9.15 15.59 6.24
CA ARG C 37 -8.21 16.02 7.28
C ARG C 37 -7.84 14.80 8.13
N PRO C 38 -6.55 14.47 8.22
CA PRO C 38 -5.45 15.33 7.75
C PRO C 38 -5.29 15.34 6.23
N LYS C 39 -4.39 16.21 5.77
CA LYS C 39 -4.29 16.59 4.37
C LYS C 39 -3.73 15.45 3.50
N MET C 40 -4.30 15.28 2.31
CA MET C 40 -3.76 14.40 1.30
C MET C 40 -3.34 15.20 0.07
N GLU C 41 -2.15 14.96 -0.44
CA GLU C 41 -1.64 15.69 -1.60
C GLU C 41 -2.07 15.06 -2.93
N ALA C 42 -2.38 13.77 -2.90
CA ALA C 42 -2.77 13.03 -4.10
C ALA C 42 -3.61 11.81 -3.73
N VAL C 43 -4.22 11.18 -4.73
CA VAL C 43 -5.02 9.97 -4.52
C VAL C 43 -4.09 8.79 -4.21
N PRO C 44 -4.25 8.20 -3.02
CA PRO C 44 -3.38 7.09 -2.65
C PRO C 44 -3.68 5.84 -3.46
N GLU C 45 -2.64 5.14 -3.88
CA GLU C 45 -2.79 3.84 -4.52
C GLU C 45 -3.04 2.76 -3.47
N GLY C 46 -3.44 1.58 -3.92
CA GLY C 46 -3.88 0.53 -3.02
C GLY C 46 -5.20 0.86 -2.35
N ASP C 47 -5.45 0.23 -1.20
CA ASP C 47 -6.76 0.25 -0.58
C ASP C 47 -6.88 1.35 0.47
N TRP C 48 -7.98 2.09 0.41
CA TRP C 48 -8.32 3.09 1.42
C TRP C 48 -9.68 2.74 2.03
N PHE C 49 -9.78 2.89 3.35
CA PHE C 49 -11.01 2.56 4.06
C PHE C 49 -11.58 3.78 4.78
N CYS C 50 -12.88 3.98 4.65
CA CYS C 50 -13.56 5.12 5.26
C CYS C 50 -13.79 4.86 6.73
N THR C 51 -14.25 5.89 7.45
CA THR C 51 -14.33 5.83 8.91
C THR C 51 -15.44 4.90 9.40
N VAL C 52 -16.45 4.64 8.58
CA VAL C 52 -17.47 3.66 8.90
C VAL C 52 -16.89 2.26 8.83
N CYS C 53 -16.09 1.98 7.81
CA CYS C 53 -15.46 0.68 7.65
C CYS C 53 -14.37 0.44 8.71
N LEU C 54 -13.61 1.48 9.02
CA LEU C 54 -12.64 1.41 10.12
C LEU C 54 -13.31 1.09 11.46
N ALA C 55 -14.51 1.63 11.66
CA ALA C 55 -15.24 1.44 12.92
C ALA C 55 -15.67 -0.01 13.15
N GLN C 56 -15.77 -0.79 12.07
CA GLN C 56 -16.16 -2.19 12.16
C GLN C 56 -14.94 -3.11 12.23
N GLN C 57 -14.05 -2.96 11.25
CA GLN C 57 -12.80 -3.74 11.21
C GLN C 57 -11.81 -3.20 12.22
N LYS D 6 8.90 2.02 11.42
CA LYS D 6 8.13 0.74 11.35
C LYS D 6 7.89 0.33 9.90
N VAL D 7 8.44 -0.83 9.51
CA VAL D 7 8.22 -1.36 8.17
C VAL D 7 6.85 -2.04 8.09
N THR D 8 6.15 -1.83 6.98
CA THR D 8 4.88 -2.51 6.75
C THR D 8 4.81 -3.08 5.34
N CYS D 9 3.93 -4.05 5.16
CA CYS D 9 3.92 -4.90 3.98
C CYS D 9 2.97 -4.33 2.93
N LEU D 10 3.46 -4.17 1.71
CA LEU D 10 2.69 -3.55 0.62
C LEU D 10 1.43 -4.35 0.25
N VAL D 11 1.52 -5.67 0.38
CA VAL D 11 0.42 -6.56 -0.01
C VAL D 11 -0.71 -6.61 1.03
N CYS D 12 -0.36 -6.85 2.30
CA CYS D 12 -1.36 -7.08 3.35
C CYS D 12 -1.49 -5.93 4.37
N ARG D 13 -0.58 -4.96 4.32
CA ARG D 13 -0.68 -3.73 5.13
C ARG D 13 -0.54 -4.00 6.63
N LYS D 14 0.39 -4.88 7.00
CA LYS D 14 0.69 -5.13 8.41
C LYS D 14 2.20 -5.19 8.63
N GLY D 15 2.61 -4.96 9.87
CA GLY D 15 4.04 -5.00 10.24
C GLY D 15 4.40 -6.13 11.18
N ASP D 16 3.51 -7.12 11.32
CA ASP D 16 3.79 -8.28 12.17
C ASP D 16 4.81 -9.22 11.50
N ASN D 17 5.40 -10.09 12.32
CA ASN D 17 6.34 -11.11 11.84
C ASN D 17 7.56 -10.50 11.15
N ASP D 18 8.30 -9.69 11.90
CA ASP D 18 9.39 -8.87 11.36
C ASP D 18 10.45 -9.73 10.67
N GLU D 19 10.67 -10.93 11.20
CA GLU D 19 11.68 -11.86 10.67
C GLU D 19 11.37 -12.30 9.23
N PHE D 20 10.11 -12.27 8.84
CA PHE D 20 9.70 -12.68 7.49
C PHE D 20 9.49 -11.50 6.54
N LEU D 21 9.79 -10.29 7.02
CA LEU D 21 9.39 -9.06 6.34
C LEU D 21 10.59 -8.44 5.63
N LEU D 22 10.55 -8.44 4.30
CA LEU D 22 11.65 -7.87 3.50
C LEU D 22 11.61 -6.34 3.52
N LEU D 23 12.79 -5.73 3.63
CA LEU D 23 12.94 -4.29 3.41
C LEU D 23 13.56 -4.02 2.03
N CYS D 24 12.94 -3.11 1.29
CA CYS D 24 13.46 -2.71 -0.02
C CYS D 24 14.80 -1.98 0.10
N ASP D 25 15.73 -2.30 -0.79
CA ASP D 25 17.03 -1.66 -0.80
C ASP D 25 16.98 -0.23 -1.35
N GLY D 26 15.93 0.07 -2.11
CA GLY D 26 15.79 1.38 -2.76
C GLY D 26 14.96 2.39 -1.99
N CYS D 27 14.20 1.91 -0.99
CA CYS D 27 13.23 2.78 -0.32
C CYS D 27 12.76 2.20 1.03
N ASP D 28 11.70 2.78 1.60
CA ASP D 28 11.26 2.44 2.97
C ASP D 28 10.20 1.34 3.01
N ARG D 29 9.80 0.85 1.84
CA ARG D 29 8.69 -0.11 1.74
C ARG D 29 9.18 -1.52 2.05
N GLY D 30 8.23 -2.43 2.27
CA GLY D 30 8.56 -3.80 2.59
C GLY D 30 7.53 -4.79 2.08
N CYS D 31 7.79 -6.07 2.28
CA CYS D 31 6.86 -7.12 1.87
C CYS D 31 7.21 -8.42 2.58
N HIS D 32 6.19 -9.11 3.11
CA HIS D 32 6.39 -10.45 3.66
C HIS D 32 6.79 -11.39 2.54
N ILE D 33 7.76 -12.25 2.80
CA ILE D 33 8.14 -13.27 1.81
C ILE D 33 6.95 -14.17 1.50
N TYR D 34 6.08 -14.37 2.50
CA TYR D 34 4.89 -15.21 2.32
C TYR D 34 3.75 -14.51 1.58
N CYS D 35 3.86 -13.18 1.43
CA CYS D 35 2.88 -12.41 0.66
C CYS D 35 3.30 -12.20 -0.80
N HIS D 36 4.57 -12.43 -1.10
CA HIS D 36 5.11 -12.13 -2.43
C HIS D 36 4.65 -13.14 -3.47
N ARG D 37 4.13 -12.62 -4.59
CA ARG D 37 3.92 -13.42 -5.80
C ARG D 37 4.72 -12.81 -6.95
N PRO D 38 5.60 -13.60 -7.59
CA PRO D 38 5.71 -15.04 -7.38
C PRO D 38 6.31 -15.43 -6.03
N LYS D 39 6.13 -16.70 -5.65
CA LYS D 39 6.41 -17.17 -4.30
C LYS D 39 7.90 -17.14 -3.94
N MET D 40 8.19 -16.82 -2.68
CA MET D 40 9.54 -16.94 -2.13
C MET D 40 9.57 -17.98 -1.02
N GLU D 41 10.67 -18.72 -0.93
CA GLU D 41 10.84 -19.75 0.10
C GLU D 41 11.60 -19.23 1.33
N ALA D 42 12.41 -18.19 1.13
CA ALA D 42 13.18 -17.58 2.23
C ALA D 42 13.69 -16.19 1.83
N VAL D 43 14.26 -15.49 2.79
CA VAL D 43 14.86 -14.17 2.56
C VAL D 43 16.10 -14.31 1.69
N PRO D 44 16.23 -13.47 0.64
CA PRO D 44 17.36 -13.60 -0.28
C PRO D 44 18.67 -13.09 0.30
N GLU D 45 19.78 -13.69 -0.13
CA GLU D 45 21.10 -13.25 0.30
C GLU D 45 21.51 -11.95 -0.39
N GLY D 46 21.15 -11.83 -1.67
CA GLY D 46 21.38 -10.60 -2.42
C GLY D 46 20.26 -9.59 -2.22
N ASP D 47 20.18 -8.62 -3.14
CA ASP D 47 19.36 -7.42 -2.93
C ASP D 47 17.96 -7.59 -3.52
N TRP D 48 16.96 -7.08 -2.81
CA TRP D 48 15.57 -7.15 -3.25
C TRP D 48 14.95 -5.76 -3.46
N PHE D 49 14.09 -5.64 -4.46
CA PHE D 49 13.46 -4.37 -4.80
C PHE D 49 11.95 -4.49 -4.89
N CYS D 50 11.25 -3.51 -4.32
CA CYS D 50 9.80 -3.41 -4.46
C CYS D 50 9.44 -2.92 -5.87
N THR D 51 8.15 -2.92 -6.18
CA THR D 51 7.68 -2.63 -7.53
C THR D 51 7.75 -1.13 -7.88
N VAL D 52 7.74 -0.28 -6.85
CA VAL D 52 7.90 1.16 -7.08
C VAL D 52 9.32 1.45 -7.53
N CYS D 53 10.30 0.78 -6.92
CA CYS D 53 11.71 0.92 -7.29
C CYS D 53 12.02 0.24 -8.62
N LEU D 54 11.36 -0.89 -8.90
CA LEU D 54 11.48 -1.56 -10.20
C LEU D 54 10.97 -0.67 -11.34
N ALA D 55 9.96 0.15 -11.05
CA ALA D 55 9.41 1.08 -12.04
C ALA D 55 10.28 2.34 -12.25
N GLN D 56 11.29 2.55 -11.41
CA GLN D 56 12.26 3.64 -11.61
C GLN D 56 13.42 3.23 -12.52
N GLN D 57 13.55 1.94 -12.82
CA GLN D 57 14.70 1.43 -13.57
C GLN D 57 14.66 1.85 -15.03
N VAL D 58 15.81 1.76 -15.69
CA VAL D 58 15.88 1.84 -17.16
C VAL D 58 16.92 0.85 -17.69
#